data_6FM6
#
_entry.id   6FM6
#
_cell.length_a   45.885
_cell.length_b   78.345
_cell.length_c   48.190
_cell.angle_alpha   90.00
_cell.angle_beta   106.63
_cell.angle_gamma   90.00
#
_symmetry.space_group_name_H-M   'P 1 21 1'
#
loop_
_entity.id
_entity.type
_entity.pdbx_description
1 polymer Beta-lactamase
2 non-polymer 'SULFATE ION'
3 non-polymer 'TRIETHYLENE GLYCOL'
4 water water
#
_entity_poly.entity_id   1
_entity_poly.type   'polypeptide(L)'
_entity_poly.pdbx_seq_one_letter_code
;MKQRIALSLLALGPLLLVPRVYAAADEPMANIVEKAVQPLLEEYRIPGMAVAVLKEGKPHYFNYGVANRESGRRISERTL
FEIGSVSKTFTATLGTYAVVKGGFRLDDKVSQHAPWLQNSAFDRVTMAQLATYSAGGLPLQFPDAVDSNERMRQYYRQWS
PLYAAGTHREYSNPSIGLFGHLAASTLGQPFRQLMSQTLLPKLDLQHTYLEVPDAAMVDYAYGYSKEDKPVRVNPGVLAD
EAYGIKTSAADLIKFVGANMTGSGDKAVQQALAMTRTGFYSVGEMTQGLGWESYAYPVTEQALLAGNSPAVSFKANPVKP
FVAPRVMGNERLYNKTGSTNGFGAYVVFVPARGVGIVMLANRNYPIEARVKAAYAIMRHLAP
;
_entity_poly.pdbx_strand_id   A
#
loop_
_chem_comp.id
_chem_comp.type
_chem_comp.name
_chem_comp.formula
PGE non-polymer 'TRIETHYLENE GLYCOL' 'C6 H14 O4'
SO4 non-polymer 'SULFATE ION' 'O4 S -2'
#
# COMPACT_ATOMS: atom_id res chain seq x y z
N GLU A 27 -21.48 -17.56 16.78
CA GLU A 27 -21.36 -16.62 15.62
C GLU A 27 -20.13 -16.97 14.76
N PRO A 28 -20.29 -17.91 13.81
CA PRO A 28 -19.12 -18.35 13.04
C PRO A 28 -18.51 -17.25 12.16
N MET A 29 -17.20 -17.31 12.02
CA MET A 29 -16.46 -16.40 11.15
C MET A 29 -17.06 -16.35 9.74
N ALA A 30 -17.36 -17.51 9.19
CA ALA A 30 -17.89 -17.58 7.83
C ALA A 30 -19.13 -16.71 7.64
N ASN A 31 -20.01 -16.69 8.64
CA ASN A 31 -21.25 -15.93 8.56
CA ASN A 31 -21.25 -15.92 8.55
C ASN A 31 -20.99 -14.43 8.69
N ILE A 32 -20.05 -14.08 9.57
CA ILE A 32 -19.66 -12.68 9.74
C ILE A 32 -19.07 -12.13 8.44
N VAL A 33 -18.20 -12.90 7.81
CA VAL A 33 -17.59 -12.46 6.55
C VAL A 33 -18.67 -12.36 5.46
N GLU A 34 -19.51 -13.38 5.31
CA GLU A 34 -20.59 -13.30 4.33
C GLU A 34 -21.46 -12.06 4.54
N LYS A 35 -21.80 -11.78 5.80
CA LYS A 35 -22.69 -10.66 6.10
C LYS A 35 -22.07 -9.34 5.67
N ALA A 36 -20.76 -9.20 5.89
CA ALA A 36 -20.05 -7.98 5.51
C ALA A 36 -19.81 -7.87 4.00
N VAL A 37 -19.55 -9.00 3.34
CA VAL A 37 -19.14 -9.02 1.94
C VAL A 37 -20.32 -8.98 0.97
N GLN A 38 -21.41 -9.69 1.28
CA GLN A 38 -22.51 -9.75 0.31
C GLN A 38 -23.05 -8.39 -0.13
N PRO A 39 -23.18 -7.41 0.77
CA PRO A 39 -23.66 -6.10 0.29
C PRO A 39 -22.71 -5.44 -0.70
N LEU A 40 -21.42 -5.74 -0.60
CA LEU A 40 -20.43 -5.23 -1.55
C LEU A 40 -20.62 -5.89 -2.92
N LEU A 41 -20.74 -7.22 -2.90
CA LEU A 41 -20.94 -7.97 -4.12
C LEU A 41 -22.22 -7.51 -4.82
N GLU A 42 -23.26 -7.25 -4.03
CA GLU A 42 -24.57 -6.85 -4.55
C GLU A 42 -24.52 -5.46 -5.14
N GLU A 43 -24.12 -4.48 -4.33
CA GLU A 43 -24.24 -3.09 -4.77
C GLU A 43 -23.27 -2.77 -5.91
N TYR A 44 -22.07 -3.34 -5.83
CA TYR A 44 -21.01 -2.96 -6.75
C TYR A 44 -20.76 -4.01 -7.83
N ARG A 45 -21.60 -5.05 -7.87
CA ARG A 45 -21.55 -6.05 -8.94
C ARG A 45 -20.11 -6.57 -9.10
N ILE A 46 -19.50 -6.91 -7.98
CA ILE A 46 -18.08 -7.27 -7.98
C ILE A 46 -17.92 -8.66 -8.60
N PRO A 47 -17.14 -8.81 -9.68
CA PRO A 47 -17.06 -10.15 -10.30
C PRO A 47 -16.37 -11.17 -9.43
N GLY A 48 -15.32 -10.76 -8.73
CA GLY A 48 -14.50 -11.67 -7.94
C GLY A 48 -13.89 -10.96 -6.75
N MET A 49 -13.93 -11.65 -5.61
CA MET A 49 -13.32 -11.12 -4.39
CA MET A 49 -13.38 -11.12 -4.36
CA MET A 49 -13.35 -11.13 -4.39
C MET A 49 -12.71 -12.27 -3.59
N ALA A 50 -11.48 -12.06 -3.14
CA ALA A 50 -10.80 -12.99 -2.24
C ALA A 50 -10.60 -12.27 -0.92
N VAL A 51 -11.06 -12.91 0.17
CA VAL A 51 -10.85 -12.41 1.52
C VAL A 51 -9.98 -13.41 2.25
N ALA A 52 -8.97 -12.91 2.96
CA ALA A 52 -8.19 -13.74 3.87
C ALA A 52 -8.22 -13.11 5.24
N VAL A 53 -8.48 -13.95 6.25
CA VAL A 53 -8.46 -13.52 7.64
C VAL A 53 -7.38 -14.32 8.35
N LEU A 54 -6.53 -13.62 9.10
CA LEU A 54 -5.53 -14.25 9.95
C LEU A 54 -5.97 -14.05 11.38
N LYS A 55 -6.06 -15.15 12.13
N LYS A 55 -6.06 -15.14 12.15
CA LYS A 55 -6.37 -15.11 13.56
CA LYS A 55 -6.25 -15.03 13.59
C LYS A 55 -5.71 -16.33 14.22
C LYS A 55 -5.79 -16.31 14.26
N GLU A 56 -5.14 -16.14 15.40
CA GLU A 56 -4.54 -17.25 16.15
CA GLU A 56 -4.52 -17.24 16.16
C GLU A 56 -3.55 -18.04 15.29
N GLY A 57 -2.78 -17.31 14.48
CA GLY A 57 -1.73 -17.91 13.67
C GLY A 57 -2.19 -18.71 12.48
N LYS A 58 -3.47 -18.66 12.15
CA LYS A 58 -4.00 -19.47 11.04
CA LYS A 58 -4.01 -19.47 11.05
C LYS A 58 -4.76 -18.60 10.05
N PRO A 59 -4.50 -18.80 8.74
CA PRO A 59 -5.28 -18.08 7.74
C PRO A 59 -6.58 -18.82 7.41
N HIS A 60 -7.59 -18.04 7.09
CA HIS A 60 -8.90 -18.51 6.68
C HIS A 60 -9.27 -17.77 5.40
N TYR A 61 -9.71 -18.50 4.39
CA TYR A 61 -9.97 -17.93 3.09
C TYR A 61 -11.45 -18.01 2.74
N PHE A 62 -11.97 -16.90 2.20
CA PHE A 62 -13.36 -16.78 1.78
C PHE A 62 -13.35 -16.19 0.37
N ASN A 63 -13.79 -16.97 -0.61
CA ASN A 63 -13.65 -16.62 -2.01
C ASN A 63 -15.02 -16.49 -2.64
N TYR A 64 -15.14 -15.52 -3.55
CA TYR A 64 -16.42 -15.17 -4.18
C TYR A 64 -16.20 -14.92 -5.64
N GLY A 65 -16.95 -15.61 -6.50
CA GLY A 65 -16.99 -15.22 -7.90
C GLY A 65 -15.82 -15.69 -8.75
N VAL A 66 -15.55 -14.87 -9.77
CA VAL A 66 -14.76 -15.30 -10.92
C VAL A 66 -13.61 -14.32 -11.19
N ALA A 67 -12.48 -14.85 -11.64
CA ALA A 67 -11.31 -14.03 -11.95
C ALA A 67 -11.45 -13.26 -13.28
N ASN A 68 -12.15 -13.87 -14.22
CA ASN A 68 -12.29 -13.39 -15.59
C ASN A 68 -13.64 -13.88 -16.06
N ARG A 69 -14.54 -12.98 -16.39
CA ARG A 69 -15.89 -13.37 -16.85
C ARG A 69 -15.89 -14.23 -18.11
N GLU A 70 -14.78 -14.22 -18.85
CA GLU A 70 -14.60 -15.01 -20.06
C GLU A 70 -13.65 -16.20 -19.90
N SER A 71 -13.49 -16.69 -18.67
CA SER A 71 -12.76 -17.94 -18.44
CA SER A 71 -12.73 -17.92 -18.40
C SER A 71 -13.37 -18.64 -17.22
N GLY A 72 -13.16 -19.94 -17.13
CA GLY A 72 -13.82 -20.72 -16.11
C GLY A 72 -13.30 -20.58 -14.69
N ARG A 73 -12.03 -20.22 -14.52
CA ARG A 73 -11.41 -20.33 -13.20
C ARG A 73 -12.04 -19.39 -12.19
N ARG A 74 -12.41 -19.95 -11.05
CA ARG A 74 -13.02 -19.17 -9.98
C ARG A 74 -11.95 -18.47 -9.14
N ILE A 75 -12.34 -17.41 -8.46
CA ILE A 75 -11.46 -16.81 -7.46
C ILE A 75 -11.09 -17.84 -6.40
N SER A 76 -9.81 -17.87 -6.06
CA SER A 76 -9.33 -18.56 -4.87
C SER A 76 -8.32 -17.65 -4.18
N GLU A 77 -7.79 -18.14 -3.07
CA GLU A 77 -6.70 -17.43 -2.37
C GLU A 77 -5.39 -17.41 -3.16
N ARG A 78 -5.34 -18.12 -4.28
CA ARG A 78 -4.18 -18.09 -5.20
C ARG A 78 -4.35 -17.13 -6.38
N THR A 79 -5.54 -16.60 -6.58
CA THR A 79 -5.76 -15.64 -7.68
C THR A 79 -4.90 -14.40 -7.46
N LEU A 80 -4.26 -13.94 -8.53
CA LEU A 80 -3.48 -12.71 -8.49
C LEU A 80 -4.36 -11.52 -8.85
N PHE A 81 -4.31 -10.51 -7.98
CA PHE A 81 -4.99 -9.25 -8.18
C PHE A 81 -3.97 -8.13 -8.24
N GLU A 82 -4.31 -7.06 -8.96
CA GLU A 82 -3.62 -5.78 -8.81
C GLU A 82 -4.01 -5.18 -7.47
N ILE A 83 -3.03 -4.86 -6.63
CA ILE A 83 -3.31 -4.28 -5.33
C ILE A 83 -3.11 -2.78 -5.29
N GLY A 84 -2.73 -2.16 -6.39
CA GLY A 84 -2.65 -0.71 -6.45
C GLY A 84 -1.77 -0.17 -5.35
N SER A 85 -2.24 0.86 -4.67
CA SER A 85 -1.45 1.52 -3.64
C SER A 85 -1.09 0.68 -2.43
N VAL A 86 -1.65 -0.52 -2.25
CA VAL A 86 -1.09 -1.39 -1.20
C VAL A 86 0.38 -1.69 -1.53
N SER A 87 0.78 -1.55 -2.79
CA SER A 87 2.17 -1.64 -3.18
C SER A 87 3.07 -0.71 -2.40
N LYS A 88 2.54 0.44 -1.98
CA LYS A 88 3.32 1.41 -1.24
C LYS A 88 3.87 0.85 0.07
N THR A 89 3.21 -0.17 0.63
CA THR A 89 3.73 -0.81 1.85
C THR A 89 4.95 -1.68 1.53
N PHE A 90 4.97 -2.31 0.37
CA PHE A 90 6.16 -3.02 -0.10
C PHE A 90 7.29 -2.02 -0.42
N THR A 91 6.96 -0.92 -1.08
CA THR A 91 7.95 0.11 -1.36
C THR A 91 8.55 0.68 -0.09
N ALA A 92 7.69 0.94 0.91
CA ALA A 92 8.17 1.44 2.18
C ALA A 92 9.13 0.48 2.85
N THR A 93 8.80 -0.82 2.79
CA THR A 93 9.65 -1.86 3.38
C THR A 93 10.98 -2.00 2.64
N LEU A 94 10.97 -1.87 1.32
CA LEU A 94 12.23 -1.82 0.57
C LEU A 94 13.06 -0.60 1.02
N GLY A 95 12.39 0.54 1.21
CA GLY A 95 13.08 1.73 1.67
C GLY A 95 13.71 1.56 3.05
N THR A 96 12.96 1.03 4.00
CA THR A 96 13.52 0.83 5.33
C THR A 96 14.60 -0.28 5.31
N TYR A 97 14.48 -1.25 4.40
CA TYR A 97 15.56 -2.22 4.24
C TYR A 97 16.85 -1.51 3.82
N ALA A 98 16.74 -0.57 2.88
CA ALA A 98 17.90 0.22 2.47
C ALA A 98 18.46 1.03 3.63
N VAL A 99 17.60 1.59 4.50
CA VAL A 99 18.08 2.27 5.70
C VAL A 99 18.87 1.30 6.60
N VAL A 100 18.30 0.11 6.83
CA VAL A 100 18.97 -0.90 7.65
C VAL A 100 20.36 -1.24 7.10
N LYS A 101 20.45 -1.34 5.77
CA LYS A 101 21.69 -1.65 5.08
C LYS A 101 22.62 -0.46 4.87
N GLY A 102 22.26 0.71 5.40
CA GLY A 102 23.14 1.87 5.40
C GLY A 102 23.09 2.74 4.17
N GLY A 103 22.11 2.55 3.30
CA GLY A 103 22.05 3.31 2.08
C GLY A 103 21.74 4.78 2.29
N PHE A 104 20.87 5.07 3.25
CA PHE A 104 20.51 6.44 3.60
C PHE A 104 19.94 6.46 4.99
N ARG A 105 19.83 7.66 5.53
CA ARG A 105 19.05 7.93 6.74
C ARG A 105 17.76 8.62 6.34
N LEU A 106 16.68 8.35 7.07
CA LEU A 106 15.40 8.98 6.78
C LEU A 106 15.42 10.50 6.80
N ASP A 107 16.30 11.09 7.64
CA ASP A 107 16.40 12.54 7.71
C ASP A 107 17.38 13.15 6.70
N ASP A 108 17.98 12.34 5.83
CA ASP A 108 18.85 12.89 4.78
C ASP A 108 18.04 13.72 3.82
N LYS A 109 18.65 14.79 3.32
CA LYS A 109 18.07 15.52 2.19
C LYS A 109 18.03 14.63 0.97
N VAL A 110 16.96 14.75 0.21
CA VAL A 110 16.78 13.96 -0.99
C VAL A 110 17.97 14.14 -1.94
N SER A 111 18.44 15.37 -2.10
CA SER A 111 19.56 15.61 -3.02
C SER A 111 20.86 14.94 -2.60
N GLN A 112 21.00 14.51 -1.35
CA GLN A 112 22.20 13.75 -0.99
C GLN A 112 22.32 12.48 -1.83
N HIS A 113 21.17 11.94 -2.23
CA HIS A 113 21.05 10.69 -2.97
C HIS A 113 20.58 10.89 -4.40
N ALA A 114 20.62 12.14 -4.85
CA ALA A 114 20.14 12.51 -6.18
C ALA A 114 20.81 13.82 -6.55
N PRO A 115 22.09 13.75 -6.99
CA PRO A 115 22.81 15.00 -7.26
C PRO A 115 22.17 15.85 -8.36
N TRP A 116 21.44 15.20 -9.26
CA TRP A 116 20.68 15.89 -10.29
C TRP A 116 19.61 16.82 -9.73
N LEU A 117 19.29 16.68 -8.43
CA LEU A 117 18.34 17.55 -7.74
C LEU A 117 19.01 18.64 -6.91
N GLN A 118 20.34 18.82 -7.03
CA GLN A 118 20.95 20.00 -6.45
C GLN A 118 20.30 21.24 -7.06
N ASN A 119 20.06 22.26 -6.23
N ASN A 119 20.11 22.26 -6.24
CA ASN A 119 19.35 23.53 -6.59
CA ASN A 119 19.48 23.51 -6.66
C ASN A 119 17.88 23.46 -6.86
C ASN A 119 18.02 23.28 -7.13
N SER A 120 17.30 22.34 -6.49
CA SER A 120 15.86 22.15 -6.61
C SER A 120 15.27 22.20 -5.20
N ALA A 121 13.96 22.02 -5.13
CA ALA A 121 13.30 21.94 -3.83
C ALA A 121 13.88 20.82 -2.96
N PHE A 122 14.46 19.82 -3.60
CA PHE A 122 14.88 18.61 -2.93
C PHE A 122 16.20 18.73 -2.17
N ASP A 123 16.84 19.91 -2.23
CA ASP A 123 17.86 20.23 -1.24
C ASP A 123 17.28 20.45 0.17
N ARG A 124 15.97 20.71 0.27
CA ARG A 124 15.31 20.99 1.56
C ARG A 124 14.21 20.02 1.94
N VAL A 125 14.03 18.97 1.15
CA VAL A 125 13.09 17.90 1.43
C VAL A 125 13.91 16.70 1.90
N THR A 126 13.38 15.97 2.89
CA THR A 126 14.06 14.77 3.37
C THR A 126 13.48 13.51 2.72
N MET A 127 14.23 12.43 2.82
CA MET A 127 13.75 11.15 2.32
C MET A 127 12.44 10.75 3.01
N ALA A 128 12.35 10.95 4.31
CA ALA A 128 11.11 10.65 5.03
C ALA A 128 9.93 11.46 4.51
N GLN A 129 10.14 12.73 4.19
CA GLN A 129 9.04 13.55 3.67
C GLN A 129 8.55 13.04 2.32
N LEU A 130 9.43 12.52 1.46
CA LEU A 130 8.95 11.85 0.25
C LEU A 130 8.03 10.69 0.58
N ALA A 131 8.47 9.84 1.49
CA ALA A 131 7.70 8.65 1.84
C ALA A 131 6.35 8.97 2.46
N THR A 132 6.26 10.09 3.19
CA THR A 132 5.06 10.46 3.89
C THR A 132 4.27 11.54 3.18
N TYR A 133 4.57 11.76 1.90
CA TYR A 133 3.75 12.66 1.06
C TYR A 133 3.75 14.10 1.56
N SER A 134 4.83 14.52 2.22
CA SER A 134 4.87 15.82 2.86
C SER A 134 5.98 16.72 2.33
N ALA A 135 6.46 16.45 1.12
CA ALA A 135 7.52 17.24 0.52
C ALA A 135 7.12 18.68 0.23
N GLY A 136 5.84 18.92 0.00
CA GLY A 136 5.32 20.27 -0.23
C GLY A 136 4.41 20.43 -1.42
N GLY A 137 3.57 19.44 -1.69
CA GLY A 137 2.53 19.59 -2.70
C GLY A 137 2.77 18.84 -3.99
N LEU A 138 3.62 17.81 -3.97
CA LEU A 138 3.66 16.92 -5.10
C LEU A 138 2.25 16.33 -5.29
N PRO A 139 1.81 16.19 -6.54
CA PRO A 139 0.43 15.83 -6.82
C PRO A 139 0.18 14.33 -6.77
N LEU A 140 -1.09 13.94 -6.86
CA LEU A 140 -1.42 12.51 -6.85
C LEU A 140 -0.73 11.75 -7.96
N GLN A 141 -0.77 12.29 -9.17
CA GLN A 141 -0.21 11.62 -10.34
CA GLN A 141 -0.21 11.62 -10.33
C GLN A 141 0.74 12.54 -11.06
N PHE A 142 1.72 11.94 -11.75
CA PHE A 142 2.52 12.71 -12.68
C PHE A 142 1.58 13.30 -13.74
N PRO A 143 1.93 14.49 -14.25
CA PRO A 143 1.29 14.94 -15.49
C PRO A 143 1.47 13.88 -16.59
N ASP A 144 0.47 13.71 -17.45
N ASP A 144 0.46 13.74 -17.45
CA ASP A 144 0.54 12.64 -18.47
CA ASP A 144 0.45 12.77 -18.54
C ASP A 144 1.71 12.81 -19.46
C ASP A 144 1.68 12.83 -19.44
N ALA A 145 2.19 14.05 -19.65
CA ALA A 145 3.38 14.28 -20.48
C ALA A 145 4.67 13.69 -19.91
N VAL A 146 4.72 13.47 -18.59
CA VAL A 146 5.90 12.87 -17.99
C VAL A 146 5.84 11.37 -18.28
N ASP A 147 6.53 10.97 -19.35
CA ASP A 147 6.41 9.60 -19.87
C ASP A 147 7.75 8.94 -20.23
N SER A 148 8.82 9.47 -19.66
CA SER A 148 10.15 8.93 -19.87
C SER A 148 11.00 9.25 -18.65
N ASN A 149 12.13 8.56 -18.52
CA ASN A 149 13.05 8.84 -17.44
C ASN A 149 13.55 10.29 -17.49
N GLU A 150 13.90 10.80 -18.66
CA GLU A 150 14.41 12.17 -18.74
C GLU A 150 13.32 13.17 -18.37
N ARG A 151 12.10 12.96 -18.85
CA ARG A 151 11.01 13.88 -18.49
C ARG A 151 10.69 13.79 -17.00
N MET A 152 10.84 12.61 -16.40
CA MET A 152 10.68 12.47 -14.96
CA MET A 152 10.69 12.45 -14.95
C MET A 152 11.75 13.27 -14.22
N ARG A 153 13.01 13.14 -14.64
CA ARG A 153 14.08 13.89 -13.97
C ARG A 153 13.82 15.39 -14.05
N GLN A 154 13.44 15.85 -15.24
N GLN A 154 13.46 15.86 -15.25
CA GLN A 154 13.18 17.27 -15.45
CA GLN A 154 13.15 17.28 -15.46
C GLN A 154 11.97 17.75 -14.62
C GLN A 154 11.96 17.76 -14.65
N TYR A 155 10.95 16.91 -14.51
CA TYR A 155 9.78 17.23 -13.68
C TYR A 155 10.21 17.54 -12.24
N TYR A 156 11.02 16.68 -11.66
CA TYR A 156 11.45 16.92 -10.28
C TYR A 156 12.39 18.13 -10.17
N ARG A 157 13.28 18.30 -11.15
CA ARG A 157 14.18 19.45 -11.13
C ARG A 157 13.43 20.78 -11.16
N GLN A 158 12.37 20.82 -11.95
CA GLN A 158 11.58 22.03 -12.21
CA GLN A 158 11.63 22.06 -12.17
C GLN A 158 10.51 22.31 -11.17
N TRP A 159 10.14 21.31 -10.38
CA TRP A 159 8.98 21.43 -9.52
C TRP A 159 9.11 22.58 -8.54
N SER A 160 8.08 23.42 -8.48
CA SER A 160 8.02 24.51 -7.52
C SER A 160 7.07 24.14 -6.38
N PRO A 161 7.57 24.07 -5.14
CA PRO A 161 6.68 23.67 -4.06
C PRO A 161 5.49 24.59 -3.86
N LEU A 162 4.41 23.99 -3.36
CA LEU A 162 3.23 24.71 -2.92
C LEU A 162 3.30 25.05 -1.44
N TYR A 163 4.02 24.24 -0.67
CA TYR A 163 4.10 24.34 0.80
C TYR A 163 5.55 24.13 1.22
N ALA A 164 5.92 24.66 2.39
CA ALA A 164 7.21 24.32 2.98
C ALA A 164 7.28 22.84 3.30
N ALA A 165 8.49 22.30 3.21
CA ALA A 165 8.69 20.89 3.45
C ALA A 165 8.16 20.49 4.83
N GLY A 166 7.43 19.39 4.86
CA GLY A 166 6.94 18.82 6.10
C GLY A 166 5.59 19.32 6.60
N THR A 167 5.08 20.42 6.08
CA THR A 167 3.91 21.07 6.68
C THR A 167 2.57 20.55 6.18
N HIS A 168 2.52 19.94 5.00
CA HIS A 168 1.27 19.50 4.41
C HIS A 168 1.40 18.11 3.82
N ARG A 169 0.39 17.28 4.08
CA ARG A 169 0.29 15.95 3.47
C ARG A 169 -0.59 16.05 2.23
N GLU A 170 -0.06 15.59 1.10
CA GLU A 170 -0.82 15.50 -0.14
C GLU A 170 -0.49 14.15 -0.75
N TYR A 171 -1.44 13.22 -0.66
CA TYR A 171 -1.21 11.85 -1.10
C TYR A 171 -0.71 11.86 -2.56
N SER A 172 0.40 11.17 -2.83
CA SER A 172 1.16 11.43 -4.05
C SER A 172 1.99 10.24 -4.52
N ASN A 173 1.75 9.82 -5.75
CA ASN A 173 2.59 8.80 -6.39
CA ASN A 173 2.56 8.79 -6.39
C ASN A 173 3.99 9.29 -6.75
N PRO A 174 4.11 10.50 -7.34
CA PRO A 174 5.46 11.02 -7.53
C PRO A 174 6.30 11.09 -6.25
N SER A 175 5.65 11.33 -5.11
CA SER A 175 6.40 11.46 -3.87
C SER A 175 6.97 10.12 -3.40
N ILE A 176 6.10 9.15 -3.11
CA ILE A 176 6.62 7.88 -2.64
CA ILE A 176 6.55 7.81 -2.66
C ILE A 176 7.32 7.10 -3.76
N GLY A 177 6.96 7.35 -5.02
CA GLY A 177 7.68 6.77 -6.14
C GLY A 177 9.15 7.17 -6.13
N LEU A 178 9.42 8.46 -5.96
CA LEU A 178 10.81 8.92 -5.91
C LEU A 178 11.52 8.34 -4.70
N PHE A 179 10.82 8.21 -3.57
CA PHE A 179 11.42 7.59 -2.39
C PHE A 179 11.91 6.18 -2.72
N GLY A 180 11.06 5.37 -3.34
CA GLY A 180 11.45 4.01 -3.67
C GLY A 180 12.59 3.94 -4.67
N HIS A 181 12.49 4.78 -5.70
CA HIS A 181 13.51 4.86 -6.74
C HIS A 181 14.88 5.20 -6.15
N LEU A 182 14.91 6.21 -5.30
CA LEU A 182 16.16 6.63 -4.69
C LEU A 182 16.64 5.64 -3.66
N ALA A 183 15.74 5.04 -2.88
CA ALA A 183 16.16 4.04 -1.90
C ALA A 183 16.93 2.91 -2.58
N ALA A 184 16.39 2.40 -3.69
CA ALA A 184 17.07 1.35 -4.43
C ALA A 184 18.42 1.82 -4.94
N SER A 185 18.47 3.05 -5.45
CA SER A 185 19.73 3.66 -5.93
CA SER A 185 19.73 3.61 -5.94
C SER A 185 20.81 3.66 -4.86
N THR A 186 20.43 3.88 -3.60
CA THR A 186 21.44 3.92 -2.53
C THR A 186 22.11 2.57 -2.29
N LEU A 187 21.45 1.48 -2.71
CA LEU A 187 22.07 0.15 -2.67
C LEU A 187 22.64 -0.28 -4.01
N GLY A 188 22.66 0.62 -4.99
CA GLY A 188 23.28 0.36 -6.27
C GLY A 188 22.53 -0.62 -7.15
N GLN A 189 21.22 -0.74 -6.97
CA GLN A 189 20.43 -1.67 -7.75
C GLN A 189 19.15 -1.02 -8.24
N PRO A 190 18.64 -1.45 -9.40
CA PRO A 190 17.30 -1.00 -9.79
C PRO A 190 16.25 -1.47 -8.78
N PHE A 191 15.20 -0.67 -8.62
CA PHE A 191 14.11 -0.99 -7.70
C PHE A 191 13.54 -2.39 -7.98
N ARG A 192 13.26 -2.69 -9.24
CA ARG A 192 12.65 -3.98 -9.57
C ARG A 192 13.54 -5.16 -9.18
N GLN A 193 14.85 -5.02 -9.39
CA GLN A 193 15.80 -6.04 -9.00
C GLN A 193 15.81 -6.23 -7.49
N LEU A 194 15.93 -5.14 -6.73
CA LEU A 194 15.98 -5.25 -5.28
CA LEU A 194 15.94 -5.24 -5.26
C LEU A 194 14.69 -5.87 -4.72
N MET A 195 13.55 -5.45 -5.26
CA MET A 195 12.27 -6.01 -4.83
C MET A 195 12.19 -7.51 -5.14
N SER A 196 12.47 -7.87 -6.40
CA SER A 196 12.22 -9.23 -6.86
C SER A 196 13.29 -10.23 -6.47
N GLN A 197 14.52 -9.77 -6.25
CA GLN A 197 15.65 -10.65 -5.95
C GLN A 197 16.05 -10.65 -4.49
N THR A 198 15.71 -9.60 -3.74
CA THR A 198 16.08 -9.52 -2.33
C THR A 198 14.88 -9.50 -1.41
N LEU A 199 14.02 -8.49 -1.52
CA LEU A 199 12.99 -8.35 -0.50
CA LEU A 199 12.95 -8.30 -0.53
C LEU A 199 11.94 -9.44 -0.56
N LEU A 200 11.34 -9.68 -1.73
CA LEU A 200 10.28 -10.70 -1.81
C LEU A 200 10.79 -12.10 -1.50
N PRO A 201 11.99 -12.47 -1.98
CA PRO A 201 12.46 -13.82 -1.61
C PRO A 201 12.74 -13.94 -0.12
N LYS A 202 13.28 -12.91 0.51
CA LYS A 202 13.53 -12.98 1.95
C LYS A 202 12.25 -13.02 2.78
N LEU A 203 11.21 -12.37 2.27
CA LEU A 203 9.87 -12.46 2.85
C LEU A 203 9.15 -13.78 2.54
N ASP A 204 9.77 -14.62 1.71
CA ASP A 204 9.21 -15.90 1.28
C ASP A 204 7.86 -15.72 0.57
N LEU A 205 7.79 -14.69 -0.27
CA LEU A 205 6.58 -14.41 -1.04
C LEU A 205 6.81 -14.87 -2.48
N GLN A 206 6.28 -16.05 -2.78
CA GLN A 206 6.52 -16.75 -4.04
C GLN A 206 5.43 -16.50 -5.09
N HIS A 207 4.41 -15.70 -4.74
CA HIS A 207 3.28 -15.43 -5.64
C HIS A 207 2.97 -13.95 -5.64
N THR A 208 4.04 -13.16 -5.63
CA THR A 208 4.00 -11.70 -5.55
C THR A 208 4.95 -11.14 -6.61
N TYR A 209 4.43 -10.25 -7.45
N TYR A 209 4.44 -10.29 -7.49
CA TYR A 209 5.12 -9.86 -8.68
CA TYR A 209 5.19 -9.86 -8.66
C TYR A 209 4.96 -8.37 -8.96
C TYR A 209 4.95 -8.41 -9.04
N LEU A 210 6.01 -7.73 -9.48
CA LEU A 210 5.87 -6.46 -10.16
C LEU A 210 5.39 -6.63 -11.60
N GLU A 211 5.69 -7.79 -12.18
CA GLU A 211 5.23 -8.16 -13.51
C GLU A 211 4.92 -9.64 -13.47
N VAL A 212 3.69 -10.02 -13.82
CA VAL A 212 3.27 -11.42 -13.72
C VAL A 212 3.96 -12.24 -14.82
N PRO A 213 4.71 -13.31 -14.45
CA PRO A 213 5.39 -14.12 -15.46
C PRO A 213 4.41 -15.01 -16.21
N ASP A 214 4.85 -15.49 -17.37
CA ASP A 214 4.00 -16.30 -18.22
C ASP A 214 3.35 -17.48 -17.49
N ALA A 215 4.11 -18.18 -16.64
CA ALA A 215 3.60 -19.37 -15.93
C ALA A 215 2.46 -19.06 -14.95
N ALA A 216 2.39 -17.81 -14.48
CA ALA A 216 1.38 -17.37 -13.53
C ALA A 216 0.20 -16.66 -14.18
N MET A 217 0.21 -16.50 -15.50
CA MET A 217 -0.89 -15.77 -16.15
CA MET A 217 -0.88 -15.78 -16.19
C MET A 217 -2.24 -16.45 -15.94
N VAL A 218 -2.24 -17.76 -15.81
CA VAL A 218 -3.46 -18.53 -15.53
C VAL A 218 -4.18 -18.07 -14.26
N ASP A 219 -3.41 -17.56 -13.29
CA ASP A 219 -3.93 -17.08 -12.00
CA ASP A 219 -4.01 -17.10 -12.03
C ASP A 219 -4.30 -15.61 -11.96
N TYR A 220 -4.00 -14.86 -13.03
CA TYR A 220 -4.10 -13.41 -12.98
C TYR A 220 -5.50 -12.95 -13.39
N ALA A 221 -6.23 -12.38 -12.43
CA ALA A 221 -7.55 -11.85 -12.69
C ALA A 221 -7.50 -10.69 -13.67
N TYR A 222 -8.62 -10.48 -14.36
CA TYR A 222 -8.85 -9.21 -15.05
C TYR A 222 -9.61 -8.27 -14.13
N GLY A 223 -9.33 -6.98 -14.26
CA GLY A 223 -10.10 -5.94 -13.59
C GLY A 223 -11.34 -5.61 -14.38
N TYR A 224 -12.36 -5.07 -13.72
CA TYR A 224 -13.59 -4.65 -14.39
C TYR A 224 -13.84 -3.20 -14.03
N SER A 225 -13.77 -2.36 -15.06
CA SER A 225 -13.83 -0.91 -14.88
C SER A 225 -15.22 -0.45 -14.49
N LYS A 226 -15.35 0.85 -14.23
CA LYS A 226 -16.65 1.43 -13.95
C LYS A 226 -17.60 1.43 -15.16
N GLU A 227 -17.07 1.18 -16.36
CA GLU A 227 -17.86 0.95 -17.56
C GLU A 227 -18.06 -0.56 -17.84
N ASP A 228 -17.68 -1.40 -16.88
CA ASP A 228 -17.89 -2.83 -16.94
C ASP A 228 -17.07 -3.51 -18.02
N LYS A 229 -15.90 -2.93 -18.32
CA LYS A 229 -14.99 -3.50 -19.30
C LYS A 229 -13.79 -4.15 -18.63
N PRO A 230 -13.30 -5.27 -19.20
CA PRO A 230 -12.14 -5.94 -18.64
C PRO A 230 -10.86 -5.17 -18.92
N VAL A 231 -10.08 -4.91 -17.89
CA VAL A 231 -8.90 -4.07 -17.96
C VAL A 231 -7.76 -4.60 -17.10
N ARG A 232 -6.55 -4.26 -17.51
N ARG A 232 -6.54 -4.29 -17.47
N ARG A 232 -6.55 -4.18 -17.46
CA ARG A 232 -5.31 -4.60 -16.81
CA ARG A 232 -5.41 -4.49 -16.58
CA ARG A 232 -5.28 -4.63 -16.89
C ARG A 232 -4.48 -3.32 -16.74
C ARG A 232 -4.51 -3.29 -16.69
C ARG A 232 -4.39 -3.38 -16.81
N VAL A 233 -3.63 -3.18 -15.72
CA VAL A 233 -2.76 -1.97 -15.60
C VAL A 233 -1.71 -1.99 -16.71
N ASN A 234 -1.70 -0.94 -17.52
CA ASN A 234 -0.59 -0.68 -18.44
C ASN A 234 0.36 0.22 -17.67
N PRO A 235 1.59 -0.26 -17.38
CA PRO A 235 2.44 0.49 -16.44
C PRO A 235 2.90 1.86 -16.97
N GLY A 236 2.97 2.82 -16.06
CA GLY A 236 3.56 4.14 -16.30
C GLY A 236 4.80 4.43 -15.47
N VAL A 237 5.12 5.71 -15.36
CA VAL A 237 6.35 6.16 -14.71
C VAL A 237 6.28 5.90 -13.20
N LEU A 238 7.29 5.20 -12.69
CA LEU A 238 7.37 4.76 -11.30
C LEU A 238 6.19 3.89 -10.86
N ALA A 239 5.62 3.14 -11.81
CA ALA A 239 4.54 2.23 -11.48
C ALA A 239 4.97 1.19 -10.46
N ASP A 240 6.17 0.61 -10.63
CA ASP A 240 6.62 -0.43 -9.72
C ASP A 240 6.55 0.07 -8.27
N GLU A 241 7.03 1.29 -8.05
CA GLU A 241 7.12 1.86 -6.72
C GLU A 241 5.76 2.27 -6.17
N ALA A 242 4.91 2.80 -7.02
CA ALA A 242 3.69 3.42 -6.52
C ALA A 242 2.50 2.50 -6.48
N TYR A 243 2.38 1.58 -7.44
CA TYR A 243 1.14 0.84 -7.55
C TYR A 243 1.23 -0.47 -8.28
N GLY A 244 2.43 -1.04 -8.46
CA GLY A 244 2.64 -2.12 -9.40
C GLY A 244 2.57 -3.56 -8.93
N ILE A 245 2.36 -3.85 -7.65
CA ILE A 245 2.35 -5.23 -7.20
C ILE A 245 1.07 -5.96 -7.61
N LYS A 246 1.28 -7.18 -8.08
CA LYS A 246 0.21 -8.19 -8.26
CA LYS A 246 0.22 -8.17 -8.25
C LYS A 246 0.49 -9.30 -7.26
N THR A 247 -0.51 -9.70 -6.50
CA THR A 247 -0.33 -10.75 -5.52
C THR A 247 -1.65 -11.42 -5.22
N SER A 248 -1.58 -12.52 -4.49
CA SER A 248 -2.73 -13.27 -4.08
C SER A 248 -3.13 -12.92 -2.66
N ALA A 249 -4.36 -13.32 -2.27
CA ALA A 249 -4.74 -13.14 -0.88
C ALA A 249 -3.87 -13.98 0.05
N ALA A 250 -3.49 -15.18 -0.39
CA ALA A 250 -2.60 -16.02 0.40
C ALA A 250 -1.24 -15.37 0.64
N ASP A 251 -0.64 -14.79 -0.39
CA ASP A 251 0.64 -14.13 -0.18
C ASP A 251 0.47 -12.85 0.63
N LEU A 252 -0.58 -12.07 0.37
CA LEU A 252 -0.70 -10.81 1.06
C LEU A 252 -0.97 -11.05 2.54
N ILE A 253 -1.73 -12.08 2.91
CA ILE A 253 -1.94 -12.34 4.34
C ILE A 253 -0.66 -12.87 4.99
N LYS A 254 0.22 -13.52 4.22
CA LYS A 254 1.56 -13.87 4.70
CA LYS A 254 1.55 -13.85 4.73
C LYS A 254 2.36 -12.59 5.03
N PHE A 255 2.28 -11.60 4.16
CA PHE A 255 2.97 -10.33 4.42
C PHE A 255 2.40 -9.63 5.66
N VAL A 256 1.08 -9.67 5.80
CA VAL A 256 0.45 -9.14 7.02
C VAL A 256 0.97 -9.88 8.26
N GLY A 257 1.03 -11.22 8.19
CA GLY A 257 1.58 -11.97 9.30
C GLY A 257 3.02 -11.59 9.64
N ALA A 258 3.82 -11.34 8.62
CA ALA A 258 5.22 -10.92 8.85
C ALA A 258 5.26 -9.63 9.64
N ASN A 259 4.30 -8.74 9.34
CA ASN A 259 4.16 -7.46 10.04
C ASN A 259 3.57 -7.54 11.45
N MET A 260 3.21 -8.73 11.91
CA MET A 260 2.71 -8.94 13.27
CA MET A 260 2.70 -8.95 13.25
C MET A 260 3.61 -9.84 14.10
N THR A 261 3.91 -11.03 13.59
CA THR A 261 4.72 -12.00 14.33
C THR A 261 6.13 -12.17 13.78
N GLY A 262 6.43 -11.52 12.66
CA GLY A 262 7.81 -11.36 12.25
C GLY A 262 8.26 -12.18 11.06
N SER A 263 9.39 -11.74 10.53
CA SER A 263 10.18 -12.49 9.57
C SER A 263 11.40 -13.04 10.25
N GLY A 264 11.78 -14.26 9.88
CA GLY A 264 13.02 -14.85 10.35
C GLY A 264 14.30 -14.31 9.76
N ASP A 265 14.20 -13.38 8.80
CA ASP A 265 15.38 -12.68 8.29
C ASP A 265 15.58 -11.42 9.13
N LYS A 266 16.71 -11.34 9.84
CA LYS A 266 16.87 -10.28 10.84
CA LYS A 266 16.96 -10.27 10.82
C LYS A 266 16.81 -8.86 10.23
N ALA A 267 17.43 -8.66 9.07
CA ALA A 267 17.41 -7.33 8.45
C ALA A 267 16.02 -7.00 7.92
N VAL A 268 15.34 -7.97 7.33
CA VAL A 268 13.96 -7.74 6.91
C VAL A 268 13.09 -7.42 8.11
N GLN A 269 13.27 -8.11 9.25
CA GLN A 269 12.49 -7.78 10.44
C GLN A 269 12.71 -6.32 10.88
N GLN A 270 13.96 -5.88 10.87
CA GLN A 270 14.23 -4.47 11.18
CA GLN A 270 14.23 -4.48 11.19
C GLN A 270 13.51 -3.53 10.20
N ALA A 271 13.48 -3.91 8.93
CA ALA A 271 12.79 -3.13 7.91
C ALA A 271 11.29 -3.08 8.17
N LEU A 272 10.69 -4.23 8.46
CA LEU A 272 9.25 -4.28 8.74
C LEU A 272 8.89 -3.40 9.93
N ALA A 273 9.67 -3.53 11.01
CA ALA A 273 9.37 -2.77 12.22
C ALA A 273 9.45 -1.27 11.95
N MET A 274 10.44 -0.86 11.15
CA MET A 274 10.68 0.54 10.94
C MET A 274 9.55 1.22 10.17
N THR A 275 8.74 0.45 9.42
CA THR A 275 7.58 1.04 8.74
C THR A 275 6.51 1.58 9.69
N ARG A 276 6.58 1.13 10.96
CA ARG A 276 5.72 1.63 12.02
C ARG A 276 6.15 2.98 12.56
N THR A 277 7.22 3.56 12.03
CA THR A 277 7.63 4.89 12.44
C THR A 277 6.62 5.93 11.97
N GLY A 278 6.03 6.63 12.93
CA GLY A 278 5.08 7.70 12.63
C GLY A 278 5.78 9.04 12.58
N PHE A 279 5.32 9.89 11.67
CA PHE A 279 5.95 11.19 11.44
C PHE A 279 5.08 12.40 11.79
N TYR A 280 3.77 12.20 11.75
CA TYR A 280 2.80 13.23 12.06
C TYR A 280 1.43 12.56 12.06
N SER A 281 0.42 13.29 12.49
CA SER A 281 -0.95 12.80 12.40
C SER A 281 -1.83 13.73 11.58
N VAL A 282 -2.90 13.14 11.08
CA VAL A 282 -3.99 13.86 10.42
C VAL A 282 -5.25 13.33 11.06
N GLY A 283 -5.89 14.13 11.89
CA GLY A 283 -6.98 13.61 12.72
C GLY A 283 -6.47 12.44 13.55
N GLU A 284 -7.23 11.35 13.53
CA GLU A 284 -6.89 10.17 14.33
CA GLU A 284 -6.92 10.14 14.31
C GLU A 284 -5.92 9.22 13.62
N MET A 285 -5.49 9.57 12.40
CA MET A 285 -4.55 8.76 11.64
C MET A 285 -3.11 9.23 11.85
N THR A 286 -2.19 8.28 12.02
CA THR A 286 -0.77 8.59 12.06
C THR A 286 -0.12 8.04 10.80
N GLN A 287 0.58 8.90 10.08
CA GLN A 287 1.24 8.51 8.84
C GLN A 287 2.58 7.90 9.15
N GLY A 288 2.72 6.62 8.82
CA GLY A 288 4.01 5.96 8.84
C GLY A 288 4.56 5.78 7.45
N LEU A 289 5.41 4.77 7.29
CA LEU A 289 6.01 4.50 5.98
C LEU A 289 5.16 3.43 5.32
N GLY A 290 4.38 3.83 4.33
CA GLY A 290 3.41 2.93 3.69
C GLY A 290 2.15 2.78 4.51
N TRP A 291 2.24 2.10 5.64
CA TRP A 291 1.10 1.90 6.53
C TRP A 291 0.68 3.19 7.22
N GLU A 292 -0.65 3.40 7.27
CA GLU A 292 -1.29 4.44 8.06
C GLU A 292 -1.93 3.74 9.25
N SER A 293 -1.86 4.35 10.45
CA SER A 293 -2.33 3.64 11.63
C SER A 293 -3.18 4.50 12.54
N TYR A 294 -3.90 3.79 13.40
CA TYR A 294 -4.87 4.33 14.33
C TYR A 294 -4.70 3.65 15.67
N ALA A 295 -4.93 4.34 16.77
CA ALA A 295 -5.07 3.63 18.04
C ALA A 295 -6.17 2.60 17.96
N TYR A 296 -5.98 1.45 18.62
CA TYR A 296 -7.02 0.41 18.69
C TYR A 296 -7.29 0.14 20.18
N PRO A 297 -8.55 0.13 20.64
CA PRO A 297 -9.80 0.34 19.88
C PRO A 297 -9.88 1.64 19.10
N VAL A 298 -10.52 1.56 17.93
CA VAL A 298 -10.70 2.67 17.00
C VAL A 298 -12.17 2.71 16.64
N THR A 299 -12.75 3.89 16.49
CA THR A 299 -14.13 4.00 16.01
C THR A 299 -14.17 3.84 14.49
N GLU A 300 -15.31 3.35 14.00
CA GLU A 300 -15.55 3.27 12.56
CA GLU A 300 -15.53 3.28 12.57
C GLU A 300 -15.45 4.67 11.95
N GLN A 301 -16.02 5.66 12.63
CA GLN A 301 -16.00 7.04 12.16
CA GLN A 301 -16.00 7.02 12.10
C GLN A 301 -14.56 7.51 11.88
N ALA A 302 -13.67 7.24 12.81
CA ALA A 302 -12.28 7.66 12.67
C ALA A 302 -11.61 6.98 11.46
N LEU A 303 -11.87 5.69 11.30
CA LEU A 303 -11.28 4.95 10.23
C LEU A 303 -11.82 5.39 8.86
N LEU A 304 -13.13 5.69 8.80
CA LEU A 304 -13.72 6.25 7.59
C LEU A 304 -13.11 7.60 7.26
N ALA A 305 -12.98 8.46 8.25
CA ALA A 305 -12.47 9.81 8.00
C ALA A 305 -11.04 9.78 7.48
N GLY A 306 -10.20 8.93 8.06
CA GLY A 306 -8.81 8.87 7.66
C GLY A 306 -8.60 8.36 6.25
N ASN A 307 -9.58 7.61 5.73
CA ASN A 307 -9.54 7.05 4.39
C ASN A 307 -10.47 7.76 3.42
N SER A 308 -10.98 8.92 3.80
CA SER A 308 -11.92 9.67 2.99
C SER A 308 -11.20 10.65 2.08
N PRO A 309 -11.91 11.16 1.07
CA PRO A 309 -11.32 12.18 0.20
C PRO A 309 -10.87 13.45 0.92
N ALA A 310 -11.46 13.77 2.07
CA ALA A 310 -10.98 14.90 2.86
C ALA A 310 -9.50 14.76 3.22
N VAL A 311 -9.03 13.52 3.34
CA VAL A 311 -7.63 13.21 3.59
C VAL A 311 -6.86 12.83 2.31
N SER A 312 -7.46 12.02 1.45
CA SER A 312 -6.75 11.50 0.30
C SER A 312 -6.76 12.36 -0.96
N PHE A 313 -7.65 13.36 -0.99
N PHE A 313 -7.64 13.35 -1.06
CA PHE A 313 -7.89 14.18 -2.20
CA PHE A 313 -7.67 14.23 -2.26
C PHE A 313 -7.79 15.70 -1.97
C PHE A 313 -7.86 15.71 -1.95
N LYS A 314 -7.39 16.11 -0.77
CA LYS A 314 -7.11 17.50 -0.44
C LYS A 314 -5.79 17.51 0.34
N ALA A 315 -4.97 18.54 0.15
CA ALA A 315 -3.80 18.73 0.98
C ALA A 315 -4.27 19.03 2.41
N ASN A 316 -3.65 18.39 3.39
CA ASN A 316 -3.99 18.63 4.79
C ASN A 316 -2.77 19.19 5.51
N PRO A 317 -2.92 20.29 6.25
CA PRO A 317 -1.84 20.73 7.13
C PRO A 317 -1.62 19.70 8.23
N VAL A 318 -0.33 19.47 8.49
N VAL A 318 -0.40 19.23 8.46
CA VAL A 318 0.14 18.59 9.54
CA VAL A 318 -0.23 18.10 9.42
C VAL A 318 1.29 19.25 10.30
C VAL A 318 -0.15 18.57 10.87
N LYS A 319 1.47 18.78 11.52
N LYS A 319 -0.37 17.65 11.82
CA LYS A 319 2.53 19.29 12.38
CA LYS A 319 0.00 17.86 13.23
C LYS A 319 3.49 18.15 12.71
C LYS A 319 1.36 17.15 13.44
N PRO A 320 4.61 18.10 12.00
N PRO A 320 2.51 17.89 13.41
CA PRO A 320 5.47 16.98 12.26
CA PRO A 320 3.89 17.33 13.23
C PRO A 320 5.78 16.84 13.75
C PRO A 320 4.54 16.66 14.46
N PHE A 321 5.47 15.67 14.32
CA PHE A 321 6.15 15.22 15.53
C PHE A 321 7.56 15.78 15.70
N VAL A 322 7.87 16.23 16.89
CA VAL A 322 9.21 16.73 17.18
C VAL A 322 10.25 15.67 16.78
N ALA A 323 9.96 14.42 17.14
CA ALA A 323 10.79 13.27 16.80
C ALA A 323 9.90 12.21 16.16
N PRO A 324 10.30 11.67 15.00
CA PRO A 324 9.60 10.49 14.51
C PRO A 324 9.59 9.42 15.59
N ARG A 325 8.49 8.69 15.69
CA ARG A 325 8.21 7.80 16.81
CA ARG A 325 8.21 7.82 16.81
C ARG A 325 7.73 6.47 16.31
N VAL A 326 8.36 5.38 16.78
CA VAL A 326 7.80 4.06 16.49
C VAL A 326 6.42 3.92 17.15
N MET A 327 5.43 3.61 16.32
CA MET A 327 4.06 3.39 16.79
C MET A 327 3.91 1.94 17.21
N GLY A 328 2.99 1.68 18.14
CA GLY A 328 2.97 0.42 18.86
C GLY A 328 2.07 -0.68 18.32
N ASN A 329 1.92 -1.71 19.15
CA ASN A 329 1.17 -2.90 18.81
C ASN A 329 -0.34 -2.74 19.00
N GLU A 330 -0.76 -1.87 19.91
CA GLU A 330 -2.18 -1.71 20.28
C GLU A 330 -2.80 -0.68 19.35
N ARG A 331 -2.79 -1.04 18.06
CA ARG A 331 -3.05 -0.11 16.96
CA ARG A 331 -2.96 -0.11 16.97
C ARG A 331 -3.50 -0.90 15.77
N LEU A 332 -4.31 -0.24 14.94
CA LEU A 332 -4.78 -0.78 13.69
C LEU A 332 -4.00 -0.11 12.56
N TYR A 333 -3.33 -0.94 11.75
CA TYR A 333 -2.56 -0.51 10.60
C TYR A 333 -3.37 -0.84 9.35
N ASN A 334 -3.37 0.04 8.36
CA ASN A 334 -4.16 -0.21 7.16
C ASN A 334 -3.56 0.41 5.93
N LYS A 335 -4.04 -0.07 4.78
CA LYS A 335 -3.74 0.58 3.50
C LYS A 335 -4.78 0.18 2.47
N THR A 336 -5.31 1.17 1.76
CA THR A 336 -6.13 0.97 0.58
C THR A 336 -5.29 0.88 -0.69
N GLY A 337 -5.82 0.22 -1.71
CA GLY A 337 -5.22 0.29 -3.03
C GLY A 337 -6.25 0.18 -4.11
N SER A 338 -6.09 0.95 -5.16
CA SER A 338 -7.07 0.97 -6.22
C SER A 338 -6.37 1.17 -7.57
N THR A 339 -6.74 0.37 -8.56
N THR A 339 -6.90 0.52 -8.61
CA THR A 339 -6.31 0.60 -9.92
CA THR A 339 -6.56 0.79 -10.05
C THR A 339 -7.56 0.63 -10.74
C THR A 339 -7.83 0.70 -10.92
N ASN A 340 -7.37 0.87 -12.05
N ASN A 340 -7.83 1.14 -12.19
CA ASN A 340 -8.37 0.63 -13.08
CA ASN A 340 -9.09 1.23 -12.94
C ASN A 340 -8.78 -0.83 -12.95
C ASN A 340 -10.15 0.11 -12.72
N GLY A 341 -9.96 -1.02 -12.43
N GLY A 341 -9.71 -1.15 -12.58
CA GLY A 341 -10.54 -2.34 -12.39
CA GLY A 341 -10.65 -2.24 -12.33
C GLY A 341 -10.31 -3.15 -11.13
C GLY A 341 -10.42 -3.07 -11.07
N PHE A 342 -9.61 -2.59 -10.13
CA PHE A 342 -9.30 -3.35 -8.90
C PHE A 342 -9.42 -2.50 -7.66
N GLY A 343 -9.82 -3.15 -6.57
CA GLY A 343 -9.97 -2.49 -5.26
C GLY A 343 -9.54 -3.41 -4.16
N ALA A 344 -8.54 -2.97 -3.38
CA ALA A 344 -7.91 -3.72 -2.32
C ALA A 344 -7.98 -2.98 -1.00
N TYR A 345 -7.98 -3.73 0.10
CA TYR A 345 -7.88 -3.14 1.42
CA TYR A 345 -7.87 -3.15 1.42
C TYR A 345 -7.24 -4.16 2.35
N VAL A 346 -6.36 -3.66 3.23
CA VAL A 346 -5.65 -4.49 4.20
C VAL A 346 -5.72 -3.79 5.54
N VAL A 347 -6.04 -4.55 6.60
CA VAL A 347 -6.04 -4.02 7.97
CA VAL A 347 -6.01 -4.02 7.94
C VAL A 347 -5.45 -5.07 8.90
N PHE A 348 -4.73 -4.63 9.93
CA PHE A 348 -4.26 -5.58 10.94
C PHE A 348 -4.03 -4.89 12.27
N VAL A 349 -4.17 -5.67 13.35
CA VAL A 349 -3.96 -5.19 14.73
C VAL A 349 -2.93 -6.12 15.37
N PRO A 350 -1.67 -5.70 15.44
CA PRO A 350 -0.63 -6.62 15.93
C PRO A 350 -0.90 -7.21 17.30
N ALA A 351 -1.35 -6.40 18.25
CA ALA A 351 -1.56 -6.93 19.61
C ALA A 351 -2.55 -8.08 19.63
N ARG A 352 -3.52 -8.05 18.73
CA ARG A 352 -4.53 -9.11 18.66
C ARG A 352 -4.16 -10.26 17.74
N GLY A 353 -3.12 -10.09 16.94
CA GLY A 353 -2.75 -11.12 15.98
C GLY A 353 -3.83 -11.36 14.93
N VAL A 354 -4.58 -10.30 14.59
CA VAL A 354 -5.67 -10.39 13.60
CA VAL A 354 -5.62 -10.43 13.58
C VAL A 354 -5.37 -9.51 12.40
N GLY A 355 -5.55 -10.08 11.21
CA GLY A 355 -5.39 -9.33 9.97
C GLY A 355 -6.47 -9.71 8.99
N ILE A 356 -6.77 -8.77 8.09
CA ILE A 356 -7.78 -8.98 7.06
C ILE A 356 -7.24 -8.42 5.75
N VAL A 357 -7.35 -9.23 4.70
CA VAL A 357 -7.05 -8.83 3.33
C VAL A 357 -8.34 -8.98 2.52
N MET A 358 -8.71 -7.95 1.75
CA MET A 358 -9.85 -7.99 0.85
C MET A 358 -9.39 -7.53 -0.52
N LEU A 359 -9.39 -8.44 -1.50
CA LEU A 359 -8.95 -8.12 -2.87
C LEU A 359 -10.10 -8.34 -3.83
N ALA A 360 -10.39 -7.36 -4.67
CA ALA A 360 -11.47 -7.46 -5.63
C ALA A 360 -11.04 -6.98 -6.99
N ASN A 361 -11.69 -7.51 -8.04
CA ASN A 361 -11.52 -7.01 -9.41
C ASN A 361 -12.65 -6.05 -9.82
N ARG A 362 -13.00 -5.18 -8.88
CA ARG A 362 -13.78 -3.97 -9.14
C ARG A 362 -13.19 -2.90 -8.22
N ASN A 363 -13.00 -1.68 -8.73
CA ASN A 363 -12.57 -0.55 -7.91
C ASN A 363 -13.79 0.08 -7.23
N TYR A 364 -14.26 -0.58 -6.19
CA TYR A 364 -15.50 -0.22 -5.50
C TYR A 364 -15.14 0.72 -4.32
N PRO A 365 -16.13 1.46 -3.81
CA PRO A 365 -15.80 2.59 -2.92
C PRO A 365 -15.00 2.20 -1.68
N ILE A 366 -13.98 3.00 -1.40
CA ILE A 366 -13.17 2.83 -0.20
C ILE A 366 -14.01 2.83 1.06
N GLU A 367 -15.01 3.70 1.15
CA GLU A 367 -15.82 3.74 2.38
CA GLU A 367 -15.82 3.74 2.36
C GLU A 367 -16.50 2.38 2.61
N ALA A 368 -16.89 1.71 1.53
CA ALA A 368 -17.52 0.39 1.64
C ALA A 368 -16.52 -0.67 2.10
N ARG A 369 -15.28 -0.59 1.61
CA ARG A 369 -14.21 -1.48 2.07
C ARG A 369 -14.01 -1.34 3.57
N VAL A 370 -13.95 -0.09 4.02
CA VAL A 370 -13.71 0.22 5.41
C VAL A 370 -14.85 -0.30 6.28
N LYS A 371 -16.08 -0.03 5.89
CA LYS A 371 -17.24 -0.50 6.68
CA LYS A 371 -17.20 -0.51 6.71
C LYS A 371 -17.21 -2.03 6.83
N ALA A 372 -16.95 -2.73 5.73
CA ALA A 372 -16.98 -4.19 5.76
C ALA A 372 -15.83 -4.74 6.62
N ALA A 373 -14.62 -4.24 6.40
CA ALA A 373 -13.48 -4.67 7.20
C ALA A 373 -13.69 -4.35 8.67
N TYR A 374 -14.27 -3.20 8.96
CA TYR A 374 -14.52 -2.80 10.35
C TYR A 374 -15.43 -3.80 11.04
N ALA A 375 -16.49 -4.20 10.36
CA ALA A 375 -17.42 -5.17 10.93
C ALA A 375 -16.73 -6.49 11.21
N ILE A 376 -15.94 -6.96 10.26
CA ILE A 376 -15.22 -8.22 10.45
C ILE A 376 -14.23 -8.09 11.62
N MET A 377 -13.47 -7.00 11.66
CA MET A 377 -12.50 -6.80 12.72
C MET A 377 -13.16 -6.70 14.10
N ARG A 378 -14.33 -6.06 14.19
CA ARG A 378 -14.99 -5.95 15.47
C ARG A 378 -15.39 -7.34 16.00
N HIS A 379 -15.76 -8.25 15.09
CA HIS A 379 -16.03 -9.62 15.48
C HIS A 379 -14.75 -10.35 15.92
N LEU A 380 -13.67 -10.16 15.17
CA LEU A 380 -12.40 -10.86 15.43
C LEU A 380 -11.69 -10.35 16.67
N ALA A 381 -11.87 -9.06 16.97
CA ALA A 381 -11.19 -8.38 18.08
C ALA A 381 -12.17 -7.46 18.81
N PRO A 382 -13.11 -8.05 19.56
CA PRO A 382 -14.14 -7.25 20.21
C PRO A 382 -13.62 -6.26 21.21
S SO4 B . -5.86 4.11 -3.24
O1 SO4 B . -5.01 3.55 -4.34
O2 SO4 B . -4.99 4.44 -2.09
O3 SO4 B . -6.81 3.06 -2.85
O4 SO4 B . -6.60 5.29 -3.75
S SO4 C . -12.24 2.27 -12.67
O1 SO4 C . -12.24 0.86 -12.26
O2 SO4 C . -10.91 2.70 -13.16
O3 SO4 C . -13.17 2.45 -13.78
O4 SO4 C . -12.59 3.11 -11.51
S SO4 D . 0.96 4.20 20.44
S SO4 D . 0.98 3.84 20.54
O1 SO4 D . 1.59 4.13 21.80
O1 SO4 D . 1.21 4.66 21.77
O2 SO4 D . 1.97 3.92 19.41
O2 SO4 D . 1.83 4.32 19.43
O3 SO4 D . 0.34 5.52 20.21
O3 SO4 D . -0.44 4.05 20.18
O4 SO4 D . -0.15 3.24 20.32
O4 SO4 D . 1.10 2.38 20.78
C1 PGE E . -19.24 -12.56 -6.79
O1 PGE E . -17.92 -12.14 -6.43
C2 PGE E . -19.42 -14.04 -6.45
O2 PGE E . -20.37 -14.17 -5.40
C3 PGE E . -19.92 -15.06 -4.39
C4 PGE E . -21.10 -15.87 -3.86
O3 PGE E . -22.03 -14.98 -3.23
#